data_1W2Y
#
_entry.id   1W2Y
#
_cell.length_a   66.963
_cell.length_b   70.629
_cell.length_c   92.850
_cell.angle_alpha   90.00
_cell.angle_beta   90.00
_cell.angle_gamma   90.00
#
_symmetry.space_group_name_H-M   'P 21 21 21'
#
loop_
_entity.id
_entity.type
_entity.pdbx_description
1 polymer "DEOXYURIDINE 5'-TRIPHOSPHATE NUCLEOTIDE HYDROLASE"
2 non-polymer "2'-DEOXYURIDINE 5'-ALPHA,BETA-IMIDO-DIPHOSPHATE"
3 non-polymer 'MAGNESIUM ION'
4 water water
#
_entity_poly.entity_id   1
_entity_poly.type   'polypeptide(L)'
_entity_poly.pdbx_seq_one_letter_code
;MTNIEILENMLKLQQKLNDETNGLNWENGYTKEGKLISWRRCIYMECAELIDSFTWKHWKNISSLTNWENVRIEIVDIWH
FILSLLLEEYRDKNNKDFKAIATEVNAVSVFQDFCKEEEYPNEGDIYGILNDIELIIHKCSGFGFNLGELLSTYFTLAIK
CGLNLEILYKTYIGKNVLNIFRQNNGYKDGSYKKTWNGKEDNEVLAQILEQELDFDTIYKKLEECYKKA
;
_entity_poly.pdbx_strand_id   A,B
#
loop_
_chem_comp.id
_chem_comp.type
_chem_comp.name
_chem_comp.formula
DUN non-polymer '2'-DEOXYURIDINE 5'-ALPHA,BETA-IMIDO-DIPHOSPHATE' 'C9 H15 N3 O10 P2'
MG non-polymer 'MAGNESIUM ION' 'Mg 2'
#
# COMPACT_ATOMS: atom_id res chain seq x y z
N MET A 1 -1.70 13.76 -32.57
CA MET A 1 -2.21 12.42 -32.34
C MET A 1 -3.63 12.53 -31.84
N THR A 2 -4.50 11.63 -32.30
CA THR A 2 -5.86 11.59 -31.82
C THR A 2 -5.87 10.96 -30.42
N ASN A 3 -6.99 11.09 -29.73
CA ASN A 3 -7.14 10.45 -28.42
C ASN A 3 -6.91 8.93 -28.53
N ILE A 4 -7.52 8.32 -29.54
CA ILE A 4 -7.37 6.88 -29.74
C ILE A 4 -5.91 6.49 -30.08
N GLU A 5 -5.21 7.28 -30.90
CA GLU A 5 -3.78 7.05 -31.15
C GLU A 5 -2.91 7.09 -29.88
N ILE A 6 -3.19 8.05 -29.00
CA ILE A 6 -2.46 8.15 -27.73
C ILE A 6 -2.69 6.87 -26.91
N LEU A 7 -3.94 6.46 -26.78
CA LEU A 7 -4.26 5.23 -26.04
C LEU A 7 -3.60 4.01 -26.69
N GLU A 8 -3.65 3.89 -28.02
CA GLU A 8 -3.02 2.78 -28.76
C GLU A 8 -1.52 2.78 -28.48
N ASN A 9 -0.90 3.95 -28.47
CA ASN A 9 0.53 4.04 -28.18
C ASN A 9 0.85 3.54 -26.78
N MET A 10 0.08 3.95 -25.79
CA MET A 10 0.32 3.45 -24.41
C MET A 10 0.12 1.93 -24.35
N LEU A 11 -0.90 1.41 -25.03
CA LEU A 11 -1.15 -0.04 -24.99
C LEU A 11 0.02 -0.81 -25.60
N LYS A 12 0.53 -0.27 -26.68
CA LYS A 12 1.68 -0.88 -27.37
C LYS A 12 2.94 -0.81 -26.50
N LEU A 13 3.16 0.32 -25.82
CA LEU A 13 4.30 0.46 -24.91
C LEU A 13 4.19 -0.53 -23.73
N GLN A 14 2.98 -0.70 -23.25
CA GLN A 14 2.72 -1.60 -22.09
C GLN A 14 2.97 -3.05 -22.51
N GLN A 15 2.47 -3.40 -23.69
CA GLN A 15 2.68 -4.72 -24.22
C GLN A 15 4.17 -5.06 -24.30
N LYS A 16 4.94 -4.13 -24.84
CA LYS A 16 6.36 -4.37 -25.10
C LYS A 16 7.04 -4.50 -23.73
N LEU A 17 6.74 -3.60 -22.83
CA LEU A 17 7.37 -3.65 -21.51
C LEU A 17 7.03 -4.97 -20.78
N ASN A 18 5.76 -5.41 -20.85
CA ASN A 18 5.36 -6.66 -20.21
C ASN A 18 6.06 -7.85 -20.88
N ASP A 19 6.17 -7.81 -22.19
CA ASP A 19 6.83 -8.90 -22.91
C ASP A 19 8.30 -9.01 -22.49
N GLU A 20 8.98 -7.89 -22.38
CA GLU A 20 10.39 -7.86 -22.00
C GLU A 20 10.57 -8.22 -20.52
N THR A 21 9.68 -7.73 -19.67
CA THR A 21 9.77 -8.00 -18.22
C THR A 21 9.44 -9.46 -17.89
N ASN A 22 8.35 -9.95 -18.46
CA ASN A 22 7.73 -11.21 -18.06
C ASN A 22 7.87 -12.40 -19.01
N GLY A 23 8.36 -12.12 -20.19
CA GLY A 23 8.32 -13.05 -21.28
C GLY A 23 7.02 -13.03 -22.06
N LEU A 24 7.07 -13.55 -23.29
CA LEU A 24 5.88 -13.62 -24.10
C LEU A 24 4.83 -14.49 -23.40
N ASN A 25 3.59 -14.18 -23.67
CA ASN A 25 2.41 -14.93 -23.18
C ASN A 25 2.21 -14.82 -21.68
N TRP A 26 2.77 -13.76 -21.11
CA TRP A 26 2.43 -13.36 -19.76
C TRP A 26 0.91 -13.21 -19.57
N GLU A 27 0.18 -13.04 -20.68
CA GLU A 27 -1.27 -12.86 -20.59
C GLU A 27 -1.95 -14.11 -19.99
N ASN A 28 -1.25 -15.23 -20.01
CA ASN A 28 -1.78 -16.50 -19.46
C ASN A 28 -1.69 -16.59 -17.95
N GLY A 29 -1.03 -15.63 -17.33
CA GLY A 29 -1.10 -15.48 -15.87
C GLY A 29 0.17 -15.71 -15.06
N TYR A 30 1.24 -16.10 -15.73
CA TYR A 30 2.53 -16.39 -15.10
C TYR A 30 3.68 -15.79 -15.90
N THR A 31 4.75 -15.42 -15.20
CA THR A 31 5.94 -15.00 -15.85
C THR A 31 6.78 -16.20 -16.28
N LYS A 32 7.85 -15.92 -17.05
CA LYS A 32 8.77 -16.94 -17.52
C LYS A 32 9.53 -17.64 -16.39
N GLU A 33 9.63 -17.00 -15.21
CA GLU A 33 10.24 -17.63 -14.04
C GLU A 33 9.23 -18.36 -13.17
N GLY A 34 7.98 -18.42 -13.62
CA GLY A 34 6.92 -19.16 -12.91
C GLY A 34 6.20 -18.41 -11.81
N LYS A 35 6.34 -17.09 -11.75
CA LYS A 35 5.68 -16.26 -10.73
C LYS A 35 4.27 -15.87 -11.17
N LEU A 36 3.31 -16.01 -10.27
CA LEU A 36 1.93 -15.65 -10.56
C LEU A 36 1.83 -14.15 -10.77
N ILE A 37 1.06 -13.78 -11.79
CA ILE A 37 0.76 -12.37 -12.07
C ILE A 37 -0.65 -12.04 -11.64
N SER A 38 -0.78 -11.08 -10.73
CA SER A 38 -2.10 -10.59 -10.30
C SER A 38 -2.14 -9.08 -10.55
N TRP A 39 -2.65 -8.65 -11.69
CA TRP A 39 -2.68 -7.23 -11.99
C TRP A 39 -3.56 -6.46 -10.98
N ARG A 40 -4.60 -7.11 -10.47
CA ARG A 40 -5.46 -6.42 -9.49
C ARG A 40 -4.74 -6.13 -8.20
N ARG A 41 -3.95 -7.11 -7.73
CA ARG A 41 -3.10 -6.85 -6.58
C ARG A 41 -2.08 -5.75 -6.88
N CYS A 42 -1.47 -5.80 -8.06
CA CYS A 42 -0.55 -4.71 -8.42
C CYS A 42 -1.23 -3.34 -8.24
N ILE A 43 -2.45 -3.24 -8.72
CA ILE A 43 -3.22 -2.01 -8.65
C ILE A 43 -3.50 -1.59 -7.20
N TYR A 44 -4.03 -2.48 -6.36
CA TYR A 44 -4.37 -2.01 -5.03
C TYR A 44 -3.12 -1.70 -4.21
N MET A 45 -1.99 -2.34 -4.56
CA MET A 45 -0.72 -2.02 -3.85
C MET A 45 -0.26 -0.62 -4.27
N GLU A 46 -0.42 -0.24 -5.55
CA GLU A 46 -0.09 1.16 -5.94
C GLU A 46 -1.10 2.12 -5.33
N CYS A 47 -2.36 1.68 -5.15
CA CYS A 47 -3.32 2.54 -4.47
C CYS A 47 -2.88 2.87 -3.04
N ALA A 48 -2.31 1.89 -2.34
CA ALA A 48 -1.73 2.16 -1.01
C ALA A 48 -0.60 3.19 -1.11
N GLU A 49 0.27 3.06 -2.11
CA GLU A 49 1.30 4.08 -2.32
C GLU A 49 0.72 5.44 -2.58
N LEU A 50 -0.41 5.47 -3.27
CA LEU A 50 -1.09 6.72 -3.59
C LEU A 50 -1.66 7.35 -2.31
N ILE A 51 -2.41 6.55 -1.55
CA ILE A 51 -2.93 7.05 -0.25
C ILE A 51 -1.81 7.64 0.58
N ASP A 52 -0.64 6.98 0.63
CA ASP A 52 0.45 7.45 1.48
C ASP A 52 1.08 8.74 0.97
N SER A 53 0.67 9.20 -0.22
CA SER A 53 1.09 10.53 -0.73
C SER A 53 0.31 11.69 -0.09
N PHE A 54 -0.75 11.34 0.64
CA PHE A 54 -1.61 12.30 1.39
C PHE A 54 -1.40 12.17 2.90
N THR A 55 -1.84 13.19 3.62
CA THR A 55 -1.75 13.17 5.07
C THR A 55 -2.99 12.52 5.65
N TRP A 56 -3.10 11.22 5.42
CA TRP A 56 -4.29 10.48 5.88
C TRP A 56 -4.18 9.99 7.32
N LYS A 57 -2.96 9.84 7.82
CA LYS A 57 -2.76 9.32 9.17
C LYS A 57 -3.12 10.39 10.17
N HIS A 58 -3.94 10.05 11.14
CA HIS A 58 -4.34 10.98 12.18
C HIS A 58 -3.33 11.19 13.32
N TRP A 59 -2.25 10.37 13.29
CA TRP A 59 -1.28 10.26 14.34
C TRP A 59 0.18 10.57 13.93
N LYS A 60 0.41 10.93 12.69
CA LYS A 60 1.75 11.03 12.14
C LYS A 60 1.84 12.21 11.16
N ASN A 61 2.84 13.08 11.37
CA ASN A 61 3.11 14.22 10.46
C ASN A 61 1.84 14.91 10.04
N ILE A 62 1.03 15.29 11.01
CA ILE A 62 -0.31 15.72 10.67
C ILE A 62 -0.41 17.09 9.99
N SER A 63 0.66 17.87 10.03
CA SER A 63 0.59 19.23 9.41
C SER A 63 1.22 19.23 8.00
N SER A 64 1.71 18.09 7.56
CA SER A 64 2.37 18.06 6.27
C SER A 64 1.36 18.18 5.12
N LEU A 65 1.83 18.66 3.98
CA LEU A 65 0.97 18.84 2.83
C LEU A 65 1.02 17.63 1.90
N THR A 66 0.08 17.56 0.99
CA THR A 66 0.06 16.52 0.00
C THR A 66 1.31 16.53 -0.85
N ASN A 67 1.86 15.33 -1.08
CA ASN A 67 2.93 15.17 -2.04
C ASN A 67 2.37 14.99 -3.45
N TRP A 68 2.08 16.10 -4.14
CA TRP A 68 1.41 16.02 -5.43
C TRP A 68 2.33 15.41 -6.50
N GLU A 69 3.64 15.63 -6.39
CA GLU A 69 4.59 15.01 -7.32
C GLU A 69 4.44 13.51 -7.29
N ASN A 70 4.36 12.92 -6.08
CA ASN A 70 4.24 11.47 -5.96
C ASN A 70 2.85 11.03 -6.33
N VAL A 71 1.83 11.85 -6.06
CA VAL A 71 0.49 11.50 -6.50
C VAL A 71 0.52 11.17 -8.00
N ARG A 72 1.18 12.02 -8.78
CA ARG A 72 1.17 11.82 -10.22
C ARG A 72 1.85 10.52 -10.60
N ILE A 73 3.00 10.25 -9.98
CA ILE A 73 3.72 8.98 -10.19
C ILE A 73 2.83 7.75 -9.89
N GLU A 74 2.09 7.79 -8.78
CA GLU A 74 1.32 6.61 -8.40
C GLU A 74 0.11 6.44 -9.34
N ILE A 75 -0.48 7.55 -9.77
CA ILE A 75 -1.56 7.49 -10.76
C ILE A 75 -1.06 6.81 -12.05
N VAL A 76 0.18 7.14 -12.43
CA VAL A 76 0.80 6.54 -13.60
C VAL A 76 1.15 5.06 -13.39
N ASP A 77 1.60 4.70 -12.19
CA ASP A 77 1.85 3.29 -11.88
C ASP A 77 0.55 2.46 -11.98
N ILE A 78 -0.51 3.01 -11.43
CA ILE A 78 -1.83 2.37 -11.56
C ILE A 78 -2.16 2.17 -13.04
N TRP A 79 -1.93 3.20 -13.85
CA TRP A 79 -2.28 3.10 -15.27
C TRP A 79 -1.50 1.96 -15.99
N HIS A 80 -0.23 1.77 -15.65
CA HIS A 80 0.56 0.68 -16.23
C HIS A 80 -0.18 -0.65 -15.97
N PHE A 81 -0.71 -0.79 -14.74
CA PHE A 81 -1.36 -2.03 -14.39
C PHE A 81 -2.76 -2.17 -14.95
N ILE A 82 -3.45 -1.05 -15.15
CA ILE A 82 -4.75 -1.11 -15.82
C ILE A 82 -4.58 -1.46 -17.30
N LEU A 83 -3.60 -0.83 -17.95
CA LEU A 83 -3.27 -1.20 -19.33
C LEU A 83 -2.97 -2.67 -19.43
N SER A 84 -2.23 -3.21 -18.46
CA SER A 84 -1.90 -4.64 -18.40
C SER A 84 -3.17 -5.48 -18.30
N LEU A 85 -4.08 -5.07 -17.43
CA LEU A 85 -5.35 -5.80 -17.27
C LEU A 85 -6.19 -5.72 -18.56
N LEU A 86 -6.17 -4.57 -19.26
CA LEU A 86 -6.86 -4.45 -20.53
C LEU A 86 -6.32 -5.46 -21.54
N LEU A 87 -5.00 -5.51 -21.66
CA LEU A 87 -4.37 -6.41 -22.57
C LEU A 87 -4.63 -7.90 -22.17
N GLU A 88 -4.62 -8.20 -20.87
CA GLU A 88 -4.82 -9.60 -20.34
C GLU A 88 -6.26 -10.02 -20.65
N GLU A 89 -7.18 -9.08 -20.33
CA GLU A 89 -8.64 -9.28 -20.43
C GLU A 89 -9.05 -9.42 -21.86
N TYR A 90 -8.23 -8.88 -22.77
CA TYR A 90 -8.30 -9.02 -24.24
C TYR A 90 -8.66 -7.72 -24.98
N ASN A 94 -4.69 -14.67 -30.35
CA ASN A 94 -3.53 -14.66 -31.25
C ASN A 94 -3.17 -13.25 -31.72
N ASN A 95 -4.10 -12.61 -32.43
CA ASN A 95 -3.94 -11.26 -33.00
C ASN A 95 -4.56 -10.14 -32.16
N LYS A 96 -3.72 -9.37 -31.47
CA LYS A 96 -4.25 -8.37 -30.59
C LYS A 96 -4.65 -7.10 -31.34
N ASP A 97 -5.85 -6.60 -31.07
CA ASP A 97 -6.34 -5.41 -31.73
C ASP A 97 -6.21 -4.17 -30.82
N PHE A 98 -5.05 -3.54 -30.83
CA PHE A 98 -4.79 -2.40 -29.94
C PHE A 98 -5.79 -1.24 -30.20
N LYS A 99 -6.14 -1.02 -31.47
CA LYS A 99 -7.08 0.08 -31.87
C LYS A 99 -8.45 -0.18 -31.29
N ALA A 100 -8.88 -1.44 -31.37
CA ALA A 100 -10.17 -1.78 -30.77
C ALA A 100 -10.19 -1.52 -29.28
N ILE A 101 -9.13 -1.91 -28.58
CA ILE A 101 -9.05 -1.71 -27.17
C ILE A 101 -9.09 -0.21 -26.85
N ALA A 102 -8.24 0.53 -27.55
CA ALA A 102 -8.19 2.00 -27.43
C ALA A 102 -9.56 2.67 -27.64
N THR A 103 -10.28 2.18 -28.63
CA THR A 103 -11.60 2.72 -28.99
C THR A 103 -12.59 2.49 -27.87
N GLU A 104 -12.52 1.32 -27.30
CA GLU A 104 -13.36 1.01 -26.14
C GLU A 104 -13.06 1.88 -24.93
N VAL A 105 -11.79 2.10 -24.64
CA VAL A 105 -11.39 2.96 -23.53
C VAL A 105 -11.86 4.40 -23.81
N ASN A 106 -11.71 4.83 -25.05
CA ASN A 106 -12.09 6.18 -25.50
C ASN A 106 -13.59 6.44 -25.33
N ALA A 107 -14.38 5.39 -25.37
CA ALA A 107 -15.83 5.51 -25.21
C ALA A 107 -16.33 5.59 -23.76
N VAL A 108 -15.46 5.32 -22.78
CA VAL A 108 -15.83 5.49 -21.38
C VAL A 108 -16.27 6.94 -21.25
N SER A 109 -17.47 7.13 -20.72
CA SER A 109 -18.07 8.45 -20.69
C SER A 109 -17.17 9.55 -20.14
N VAL A 110 -16.51 9.32 -19.01
CA VAL A 110 -15.68 10.37 -18.38
C VAL A 110 -14.34 10.57 -19.08
N PHE A 111 -14.01 9.70 -20.02
CA PHE A 111 -12.73 9.85 -20.73
C PHE A 111 -12.68 11.16 -21.46
N GLN A 112 -13.80 11.59 -22.03
CA GLN A 112 -13.80 12.84 -22.77
C GLN A 112 -13.45 13.94 -21.81
N ASP A 113 -13.98 13.85 -20.57
CA ASP A 113 -13.74 14.95 -19.61
C ASP A 113 -12.27 14.96 -19.21
N PHE A 114 -11.67 13.77 -19.21
CA PHE A 114 -10.26 13.61 -18.89
C PHE A 114 -9.32 14.23 -19.91
N CYS A 115 -9.83 14.41 -21.12
CA CYS A 115 -9.00 14.95 -22.17
C CYS A 115 -8.94 16.48 -22.15
N LYS A 116 -9.68 17.13 -21.24
CA LYS A 116 -9.72 18.59 -21.17
C LYS A 116 -8.61 19.12 -20.28
N GLU A 117 -8.52 20.44 -20.08
CA GLU A 117 -7.44 20.96 -19.23
C GLU A 117 -7.61 20.49 -17.81
N GLU A 118 -6.49 20.29 -17.14
CA GLU A 118 -6.50 19.78 -15.78
C GLU A 118 -6.89 20.94 -14.87
N GLU A 119 -7.46 20.60 -13.72
CA GLU A 119 -7.78 21.56 -12.67
C GLU A 119 -6.85 21.25 -11.51
N TYR A 120 -6.42 22.28 -10.78
CA TYR A 120 -5.58 22.07 -9.62
C TYR A 120 -6.46 21.66 -8.44
N PRO A 121 -6.10 20.59 -7.74
CA PRO A 121 -6.81 20.17 -6.52
C PRO A 121 -6.32 21.00 -5.34
N ASN A 122 -7.01 20.88 -4.20
CA ASN A 122 -6.62 21.60 -3.02
C ASN A 122 -6.91 20.71 -1.83
N GLU A 123 -6.55 21.18 -0.64
CA GLU A 123 -6.70 20.35 0.54
C GLU A 123 -8.11 19.83 0.78
N GLY A 124 -9.12 20.58 0.34
CA GLY A 124 -10.49 20.21 0.61
C GLY A 124 -10.97 19.05 -0.23
N ASP A 125 -10.14 18.66 -1.19
CA ASP A 125 -10.51 17.59 -2.11
C ASP A 125 -10.00 16.25 -1.58
N ILE A 126 -9.14 16.28 -0.57
CA ILE A 126 -8.43 15.04 -0.18
C ILE A 126 -9.41 13.97 0.32
N TYR A 127 -10.39 14.34 1.14
CA TYR A 127 -11.38 13.36 1.67
C TYR A 127 -12.01 12.56 0.55
N GLY A 128 -12.48 13.28 -0.45
CA GLY A 128 -13.10 12.65 -1.60
C GLY A 128 -12.13 11.81 -2.42
N ILE A 129 -10.91 12.30 -2.60
CA ILE A 129 -9.90 11.56 -3.34
C ILE A 129 -9.64 10.21 -2.63
N LEU A 130 -9.49 10.26 -1.31
CA LEU A 130 -9.18 9.04 -0.55
C LEU A 130 -10.32 8.05 -0.69
N ASN A 131 -11.56 8.55 -0.69
CA ASN A 131 -12.69 7.62 -0.82
C ASN A 131 -12.72 7.02 -2.23
N ASP A 132 -12.35 7.81 -3.22
CA ASP A 132 -12.26 7.25 -4.60
C ASP A 132 -11.19 6.16 -4.74
N ILE A 133 -10.03 6.38 -4.14
CA ILE A 133 -9.00 5.35 -4.14
C ILE A 133 -9.50 4.10 -3.42
N GLU A 134 -10.21 4.27 -2.29
CA GLU A 134 -10.74 3.16 -1.53
C GLU A 134 -11.68 2.35 -2.37
N LEU A 135 -12.44 3.01 -3.24
CA LEU A 135 -13.35 2.28 -4.12
C LEU A 135 -12.57 1.40 -5.11
N ILE A 136 -11.48 1.93 -5.65
CA ILE A 136 -10.62 1.15 -6.55
C ILE A 136 -10.01 -0.04 -5.81
N ILE A 137 -9.54 0.21 -4.60
CA ILE A 137 -9.03 -0.89 -3.78
C ILE A 137 -10.07 -2.00 -3.59
N HIS A 138 -11.30 -1.59 -3.28
CA HIS A 138 -12.37 -2.50 -3.05
C HIS A 138 -12.63 -3.31 -4.31
N LYS A 139 -12.74 -2.63 -5.45
CA LYS A 139 -13.06 -3.33 -6.71
C LYS A 139 -11.97 -4.33 -7.03
N CYS A 140 -10.71 -3.98 -6.78
CA CYS A 140 -9.58 -4.85 -7.19
C CYS A 140 -9.25 -5.96 -6.18
N SER A 141 -9.96 -5.98 -5.05
CA SER A 141 -9.68 -6.95 -3.99
C SER A 141 -10.78 -8.00 -3.81
N GLY A 142 -11.73 -8.02 -4.75
CA GLY A 142 -12.81 -8.95 -4.68
C GLY A 142 -12.86 -9.89 -5.79
N PHE A 143 -13.97 -10.63 -5.84
CA PHE A 143 -14.29 -11.35 -7.06
C PHE A 143 -14.49 -11.26 -8.15
N GLY A 144 -14.93 -11.08 -9.04
CA GLY A 144 -14.11 -9.95 -9.43
C GLY A 144 -14.95 -8.70 -9.19
N PHE A 145 -15.49 -8.44 -9.97
CA PHE A 145 -14.67 -7.36 -10.91
C PHE A 145 -15.18 -6.92 -12.25
N ASN A 146 -15.34 -5.61 -12.43
CA ASN A 146 -15.81 -5.04 -13.68
C ASN A 146 -14.81 -4.00 -14.24
N LEU A 147 -14.21 -4.31 -15.40
CA LEU A 147 -13.12 -3.49 -15.97
C LEU A 147 -13.61 -2.08 -16.38
N GLY A 148 -14.82 -1.97 -16.89
CA GLY A 148 -15.42 -0.67 -17.23
C GLY A 148 -15.60 0.32 -16.07
N GLU A 149 -16.10 -0.19 -14.95
CA GLU A 149 -16.29 0.58 -13.74
C GLU A 149 -14.93 1.03 -13.21
N LEU A 150 -13.96 0.14 -13.34
CA LEU A 150 -12.58 0.47 -12.92
C LEU A 150 -12.05 1.62 -13.75
N LEU A 151 -12.22 1.57 -15.06
CA LEU A 151 -11.73 2.72 -15.89
C LEU A 151 -12.41 4.01 -15.54
N SER A 152 -13.74 3.98 -15.43
CA SER A 152 -14.46 5.16 -15.10
C SER A 152 -13.99 5.72 -13.78
N THR A 153 -13.89 4.88 -12.74
CA THR A 153 -13.50 5.34 -11.41
C THR A 153 -12.05 5.89 -11.45
N TYR A 154 -11.20 5.20 -12.21
CA TYR A 154 -9.82 5.67 -12.38
C TYR A 154 -9.71 7.06 -13.03
N PHE A 155 -10.38 7.26 -14.16
CA PHE A 155 -10.29 8.61 -14.77
C PHE A 155 -10.86 9.69 -13.86
N THR A 156 -11.96 9.38 -13.16
CA THR A 156 -12.54 10.35 -12.23
C THR A 156 -11.53 10.71 -11.14
N LEU A 157 -10.86 9.70 -10.60
CA LEU A 157 -9.81 9.94 -9.62
C LEU A 157 -8.67 10.77 -10.17
N ALA A 158 -8.22 10.42 -11.36
CA ALA A 158 -7.11 11.10 -11.98
C ALA A 158 -7.46 12.60 -12.23
N ILE A 159 -8.69 12.90 -12.65
CA ILE A 159 -9.11 14.31 -12.82
C ILE A 159 -9.02 15.02 -11.45
N LYS A 160 -9.55 14.36 -10.41
CA LYS A 160 -9.57 14.99 -9.09
C LYS A 160 -8.15 15.29 -8.60
N CYS A 161 -7.23 14.42 -8.98
CA CYS A 161 -5.79 14.55 -8.65
C CYS A 161 -4.98 15.52 -9.50
N GLY A 162 -5.62 16.18 -10.48
CA GLY A 162 -4.99 17.23 -11.27
C GLY A 162 -4.33 16.71 -12.54
N LEU A 163 -4.66 15.49 -12.96
CA LEU A 163 -4.18 14.97 -14.23
C LEU A 163 -5.21 15.09 -15.31
N ASN A 164 -4.70 15.17 -16.53
CA ASN A 164 -5.49 14.98 -17.74
C ASN A 164 -4.73 14.01 -18.67
N LEU A 165 -5.25 13.79 -19.88
CA LEU A 165 -4.58 12.81 -20.80
C LEU A 165 -3.14 13.26 -21.11
N GLU A 166 -2.96 14.55 -21.26
CA GLU A 166 -1.65 15.05 -21.58
C GLU A 166 -0.62 14.72 -20.51
N ILE A 167 -0.96 15.05 -19.29
CA ILE A 167 -0.03 14.76 -18.20
C ILE A 167 0.14 13.27 -18.04
N LEU A 168 -0.95 12.52 -18.15
CA LEU A 168 -0.80 11.07 -17.99
C LEU A 168 0.14 10.49 -19.03
N TYR A 169 -0.09 10.86 -20.29
CA TYR A 169 0.72 10.32 -21.38
C TYR A 169 2.21 10.59 -21.24
N LYS A 170 2.54 11.83 -20.99
CA LYS A 170 3.96 12.20 -20.92
C LYS A 170 4.64 11.59 -19.74
N THR A 171 3.93 11.52 -18.64
CA THR A 171 4.49 10.89 -17.46
C THR A 171 4.59 9.37 -17.60
N TYR A 172 3.56 8.77 -18.22
CA TYR A 172 3.56 7.37 -18.55
C TYR A 172 4.80 7.02 -19.36
N ILE A 173 5.08 7.77 -20.41
CA ILE A 173 6.24 7.48 -21.25
C ILE A 173 7.50 7.39 -20.38
N GLY A 174 7.67 8.40 -19.51
CA GLY A 174 8.87 8.46 -18.66
C GLY A 174 9.00 7.31 -17.70
N LYS A 175 7.88 7.00 -17.03
CA LYS A 175 7.89 5.87 -16.11
C LYS A 175 8.09 4.52 -16.86
N ASN A 176 7.50 4.38 -18.04
CA ASN A 176 7.74 3.21 -18.86
C ASN A 176 9.25 3.04 -19.11
N VAL A 177 9.94 4.13 -19.42
CA VAL A 177 11.39 4.09 -19.61
C VAL A 177 12.09 3.64 -18.32
N LEU A 178 11.72 4.23 -17.18
CA LEU A 178 12.35 3.85 -15.91
C LEU A 178 12.07 2.37 -15.58
N ASN A 179 10.90 1.89 -15.93
CA ASN A 179 10.57 0.50 -15.74
C ASN A 179 11.49 -0.47 -16.51
N ILE A 180 11.81 -0.09 -17.74
CA ILE A 180 12.79 -0.82 -18.54
C ILE A 180 14.20 -0.71 -17.92
N PHE A 181 14.55 0.51 -17.54
CA PHE A 181 15.84 0.73 -16.91
C PHE A 181 16.07 -0.16 -15.68
N ARG A 182 15.05 -0.19 -14.84
CA ARG A 182 15.10 -1.04 -13.66
C ARG A 182 15.38 -2.50 -14.02
N GLN A 183 14.63 -3.02 -14.98
CA GLN A 183 14.79 -4.44 -15.32
C GLN A 183 16.18 -4.67 -15.88
N ASN A 184 16.67 -3.69 -16.63
CA ASN A 184 18.05 -3.76 -17.18
C ASN A 184 19.16 -3.60 -16.16
N ASN A 185 18.82 -3.23 -14.94
CA ASN A 185 19.83 -2.94 -13.93
C ASN A 185 19.62 -3.63 -12.57
N GLY A 186 19.11 -4.86 -12.62
CA GLY A 186 19.08 -5.74 -11.44
C GLY A 186 17.79 -5.71 -10.63
N TYR A 187 16.71 -5.23 -11.21
CA TYR A 187 15.48 -5.17 -10.42
C TYR A 187 15.02 -6.57 -9.93
N LYS A 188 15.09 -7.57 -10.80
CA LYS A 188 14.68 -8.93 -10.43
C LYS A 188 15.56 -9.60 -9.43
N ASP A 189 16.88 -9.43 -9.53
CA ASP A 189 17.80 -10.14 -8.63
C ASP A 189 18.18 -9.39 -7.36
N GLY A 190 17.61 -8.20 -7.16
CA GLY A 190 17.83 -7.42 -5.93
C GLY A 190 19.08 -6.57 -5.91
N SER A 191 19.76 -6.47 -7.05
CA SER A 191 20.99 -5.67 -7.14
C SER A 191 20.74 -4.19 -7.47
N TYR A 192 19.52 -3.88 -7.89
CA TYR A 192 19.20 -2.52 -8.25
C TYR A 192 19.17 -1.63 -7.03
N LYS A 193 19.76 -0.46 -7.16
CA LYS A 193 19.66 0.59 -6.15
C LYS A 193 18.52 1.49 -6.51
N LYS A 194 17.47 1.49 -5.69
CA LYS A 194 16.28 2.30 -5.94
C LYS A 194 16.44 3.76 -5.46
N THR A 195 17.41 3.98 -4.56
CA THR A 195 17.73 5.31 -4.10
C THR A 195 19.03 5.73 -4.74
N TRP A 196 19.01 6.92 -5.36
CA TRP A 196 20.12 7.42 -6.13
C TRP A 196 20.61 8.70 -5.45
N ASN A 197 21.75 8.62 -4.76
CA ASN A 197 22.27 9.76 -4.04
C ASN A 197 21.16 10.44 -3.24
N GLY A 198 20.41 9.65 -2.49
CA GLY A 198 19.38 10.16 -1.58
C GLY A 198 18.02 10.46 -2.15
N LYS A 199 17.85 10.28 -3.45
CA LYS A 199 16.54 10.49 -4.08
C LYS A 199 16.04 9.17 -4.64
N GLU A 200 14.75 8.87 -4.48
CA GLU A 200 14.23 7.65 -5.09
C GLU A 200 14.26 7.84 -6.61
N ASP A 201 14.42 6.75 -7.36
CA ASP A 201 14.44 6.81 -8.81
C ASP A 201 13.26 7.59 -9.42
N ASN A 202 12.07 7.43 -8.84
CA ASN A 202 10.90 8.16 -9.30
C ASN A 202 11.10 9.67 -9.21
N GLU A 203 11.81 10.12 -8.18
CA GLU A 203 12.04 11.56 -7.97
C GLU A 203 13.03 12.11 -9.03
N VAL A 204 14.07 11.33 -9.29
CA VAL A 204 15.00 11.68 -10.36
C VAL A 204 14.32 11.71 -11.70
N LEU A 205 13.49 10.71 -11.97
CA LEU A 205 12.70 10.69 -13.22
C LEU A 205 11.86 11.95 -13.35
N ALA A 206 11.20 12.36 -12.26
CA ALA A 206 10.39 13.59 -12.32
C ALA A 206 11.22 14.83 -12.72
N GLN A 207 12.42 14.93 -12.18
CA GLN A 207 13.37 16.05 -12.50
C GLN A 207 13.64 16.03 -14.00
N ILE A 208 13.95 14.84 -14.51
CA ILE A 208 14.24 14.64 -15.92
C ILE A 208 13.06 15.04 -16.73
N LEU A 209 11.88 14.66 -16.28
CA LEU A 209 10.69 14.96 -17.06
C LEU A 209 10.30 16.44 -17.12
N GLU A 210 10.84 17.27 -16.23
CA GLU A 210 10.58 18.72 -16.27
C GLU A 210 11.03 19.34 -17.58
N GLN A 211 11.92 18.65 -18.28
CA GLN A 211 12.54 19.16 -19.51
C GLN A 211 12.33 18.30 -20.76
N GLU A 212 12.17 17.02 -20.55
CA GLU A 212 12.46 16.04 -21.60
C GLU A 212 11.31 15.13 -21.79
N LEU A 213 11.05 14.83 -23.06
CA LEU A 213 9.95 13.90 -23.35
C LEU A 213 10.37 12.69 -24.21
N ASP A 214 11.57 12.79 -24.79
CA ASP A 214 12.04 11.80 -25.76
C ASP A 214 12.46 10.52 -25.05
N PHE A 215 11.80 9.41 -25.42
CA PHE A 215 12.01 8.08 -24.84
C PHE A 215 13.50 7.78 -24.68
N ASP A 216 14.24 7.76 -25.77
CA ASP A 216 15.64 7.33 -25.72
C ASP A 216 16.50 8.32 -24.96
N THR A 217 16.16 9.59 -25.03
CA THR A 217 16.94 10.59 -24.29
C THR A 217 16.69 10.38 -22.80
N ILE A 218 15.45 10.05 -22.42
CA ILE A 218 15.17 9.83 -21.00
C ILE A 218 16.05 8.66 -20.48
N TYR A 219 16.13 7.58 -21.26
CA TYR A 219 16.88 6.39 -20.84
C TYR A 219 18.35 6.70 -20.58
N LYS A 220 18.94 7.35 -21.56
CA LYS A 220 20.29 7.84 -21.46
C LYS A 220 20.55 8.70 -20.24
N LYS A 221 19.56 9.53 -19.87
CA LYS A 221 19.76 10.47 -18.76
C LYS A 221 19.70 9.70 -17.46
N LEU A 222 18.78 8.73 -17.42
CA LEU A 222 18.67 7.83 -16.27
C LEU A 222 19.98 7.07 -16.03
N GLU A 223 20.52 6.54 -17.12
CA GLU A 223 21.81 5.86 -17.16
C GLU A 223 22.91 6.74 -16.53
N GLU A 224 23.02 7.97 -17.03
CA GLU A 224 23.97 8.96 -16.52
C GLU A 224 23.83 9.21 -15.01
N CYS A 225 22.58 9.40 -14.56
CA CYS A 225 22.33 9.71 -13.14
C CYS A 225 22.62 8.48 -12.29
N TYR A 226 22.24 7.30 -12.81
CA TYR A 226 22.44 6.05 -12.07
C TYR A 226 23.92 5.75 -11.83
N LYS A 227 24.79 6.24 -12.71
CA LYS A 227 26.25 6.09 -12.49
C LYS A 227 26.71 6.77 -11.20
N LYS A 228 25.99 7.80 -10.79
CA LYS A 228 26.31 8.57 -9.59
C LYS A 228 25.42 8.16 -8.36
N ALA A 229 24.74 7.03 -8.48
CA ALA A 229 23.84 6.53 -7.42
C ALA A 229 24.63 5.95 -6.25
N MET B 1 -1.49 -17.16 32.55
CA MET B 1 -2.58 -16.18 32.43
C MET B 1 -3.67 -16.83 31.65
N THR B 2 -4.87 -16.35 31.83
CA THR B 2 -5.99 -16.86 31.10
C THR B 2 -6.16 -16.08 29.82
N ASN B 3 -6.89 -16.66 28.86
CA ASN B 3 -7.16 -15.98 27.62
C ASN B 3 -7.93 -14.69 27.83
N ILE B 4 -8.87 -14.67 28.75
CA ILE B 4 -9.66 -13.47 28.97
C ILE B 4 -8.77 -12.33 29.52
N GLU B 5 -7.83 -12.67 30.39
CA GLU B 5 -6.93 -11.69 30.93
C GLU B 5 -6.03 -11.11 29.87
N ILE B 6 -5.54 -12.00 29.00
CA ILE B 6 -4.70 -11.56 27.94
C ILE B 6 -5.50 -10.60 27.05
N LEU B 7 -6.72 -10.98 26.65
CA LEU B 7 -7.51 -10.08 25.82
C LEU B 7 -7.81 -8.77 26.55
N GLU B 8 -8.23 -8.85 27.82
CA GLU B 8 -8.54 -7.62 28.55
C GLU B 8 -7.34 -6.70 28.64
N ASN B 9 -6.16 -7.28 28.87
CA ASN B 9 -4.93 -6.49 28.98
C ASN B 9 -4.62 -5.75 27.67
N MET B 10 -4.77 -6.44 26.55
CA MET B 10 -4.57 -5.79 25.25
C MET B 10 -5.54 -4.66 25.03
N LEU B 11 -6.81 -4.91 25.36
CA LEU B 11 -7.86 -3.88 25.20
C LEU B 11 -7.57 -2.64 26.07
N LYS B 12 -7.16 -2.88 27.31
CA LYS B 12 -6.72 -1.82 28.21
C LYS B 12 -5.52 -1.06 27.69
N LEU B 13 -4.53 -1.79 27.15
CA LEU B 13 -3.35 -1.12 26.57
C LEU B 13 -3.75 -0.28 25.33
N GLN B 14 -4.63 -0.83 24.53
CA GLN B 14 -5.11 -0.07 23.35
C GLN B 14 -5.84 1.24 23.74
N GLN B 15 -6.70 1.16 24.73
CA GLN B 15 -7.47 2.33 25.16
C GLN B 15 -6.51 3.44 25.62
N LYS B 16 -5.53 3.05 26.43
CA LYS B 16 -4.54 3.96 27.01
C LYS B 16 -3.80 4.63 25.85
N LEU B 17 -3.31 3.80 24.92
CA LEU B 17 -2.54 4.33 23.78
C LEU B 17 -3.38 5.31 22.95
N ASN B 18 -4.61 4.90 22.64
CA ASN B 18 -5.48 5.74 21.85
C ASN B 18 -5.85 7.07 22.57
N ASP B 19 -6.09 6.97 23.87
CA ASP B 19 -6.32 8.16 24.70
C ASP B 19 -5.10 9.10 24.65
N GLU B 20 -3.91 8.57 24.89
CA GLU B 20 -2.69 9.37 24.86
C GLU B 20 -2.45 9.94 23.46
N THR B 21 -2.63 9.13 22.42
CA THR B 21 -2.38 9.56 21.06
C THR B 21 -3.39 10.61 20.54
N ASN B 22 -4.66 10.34 20.75
CA ASN B 22 -5.75 11.01 20.05
C ASN B 22 -6.56 11.91 20.92
N GLY B 23 -6.39 11.76 22.23
CA GLY B 23 -7.13 12.52 23.23
C GLY B 23 -8.31 11.70 23.67
N LEU B 24 -8.91 12.06 24.80
CA LEU B 24 -10.10 11.36 25.26
C LEU B 24 -11.23 11.54 24.25
N ASN B 25 -12.10 10.54 24.19
CA ASN B 25 -13.28 10.50 23.31
C ASN B 25 -12.97 10.42 21.81
N TRP B 26 -11.79 9.90 21.47
CA TRP B 26 -11.46 9.50 20.12
C TRP B 26 -12.49 8.54 19.53
N GLU B 27 -13.21 7.84 20.39
CA GLU B 27 -14.28 6.96 19.98
C GLU B 27 -15.38 7.63 19.19
N ASN B 28 -15.49 8.95 19.28
CA ASN B 28 -16.46 9.70 18.51
C ASN B 28 -15.99 10.04 17.08
N GLY B 29 -14.76 9.63 16.73
CA GLY B 29 -14.29 9.57 15.34
C GLY B 29 -13.25 10.61 14.95
N TYR B 30 -12.93 11.52 15.86
CA TYR B 30 -11.95 12.58 15.61
C TYR B 30 -10.88 12.62 16.68
N THR B 31 -9.66 12.99 16.29
CA THR B 31 -8.59 13.24 17.23
C THR B 31 -8.75 14.64 17.84
N LYS B 32 -7.95 14.89 18.85
CA LYS B 32 -7.96 16.19 19.51
C LYS B 32 -7.60 17.35 18.56
N GLU B 33 -6.91 17.05 17.47
CA GLU B 33 -6.56 18.04 16.47
C GLU B 33 -7.61 18.16 15.36
N GLY B 34 -8.72 17.43 15.50
CA GLY B 34 -9.82 17.47 14.53
C GLY B 34 -9.62 16.61 13.30
N LYS B 35 -8.70 15.63 13.36
CA LYS B 35 -8.49 14.70 12.23
C LYS B 35 -9.50 13.55 12.31
N LEU B 36 -10.08 13.20 11.16
CA LEU B 36 -11.04 12.12 11.09
C LEU B 36 -10.27 10.82 11.14
N ILE B 37 -10.73 9.93 11.99
CA ILE B 37 -10.14 8.62 12.14
C ILE B 37 -10.87 7.65 11.24
N SER B 38 -10.12 6.82 10.49
CA SER B 38 -10.71 5.67 9.79
C SER B 38 -9.95 4.40 10.13
N TRP B 39 -10.46 3.66 11.11
CA TRP B 39 -9.76 2.44 11.51
C TRP B 39 -9.67 1.46 10.31
N ARG B 40 -10.70 1.39 9.50
CA ARG B 40 -10.65 0.46 8.36
C ARG B 40 -9.50 0.80 7.44
N ARG B 41 -9.30 2.09 7.19
CA ARG B 41 -8.18 2.49 6.33
C ARG B 41 -6.87 2.15 6.99
N CYS B 42 -6.77 2.42 8.29
CA CYS B 42 -5.56 2.01 9.04
C CYS B 42 -5.26 0.50 8.82
N ILE B 43 -6.30 -0.33 8.87
CA ILE B 43 -6.17 -1.76 8.66
C ILE B 43 -5.72 -2.13 7.27
N TYR B 44 -6.41 -1.65 6.22
CA TYR B 44 -5.97 -2.04 4.89
C TYR B 44 -4.60 -1.49 4.51
N MET B 45 -4.18 -0.36 5.12
CA MET B 45 -2.83 0.15 4.89
C MET B 45 -1.77 -0.76 5.55
N GLU B 46 -2.05 -1.27 6.75
CA GLU B 46 -1.15 -2.28 7.35
C GLU B 46 -1.18 -3.59 6.54
N CYS B 47 -2.33 -3.92 5.94
CA CYS B 47 -2.40 -5.09 5.06
C CYS B 47 -1.43 -4.97 3.90
N ALA B 48 -1.32 -3.77 3.32
CA ALA B 48 -0.36 -3.49 2.27
C ALA B 48 1.06 -3.74 2.78
N GLU B 49 1.37 -3.27 3.98
CA GLU B 49 2.68 -3.51 4.55
C GLU B 49 2.93 -5.00 4.74
N LEU B 50 1.89 -5.72 5.14
CA LEU B 50 1.98 -7.15 5.33
C LEU B 50 2.26 -7.85 4.03
N ILE B 51 1.48 -7.54 2.99
CA ILE B 51 1.72 -8.12 1.64
C ILE B 51 3.17 -7.92 1.22
N ASP B 52 3.68 -6.71 1.48
CA ASP B 52 5.06 -6.34 1.09
C ASP B 52 6.13 -7.09 1.86
N SER B 53 5.72 -7.81 2.90
CA SER B 53 6.64 -8.67 3.68
C SER B 53 6.92 -10.02 2.95
N PHE B 54 6.11 -10.31 1.93
CA PHE B 54 6.24 -11.49 1.07
C PHE B 54 6.78 -11.14 -0.29
N THR B 55 7.26 -12.15 -0.99
CA THR B 55 7.80 -11.92 -2.33
C THR B 55 6.61 -12.07 -3.32
N TRP B 56 5.69 -11.12 -3.24
CA TRP B 56 4.50 -11.15 -4.08
C TRP B 56 4.75 -10.61 -5.50
N LYS B 57 5.74 -9.73 -5.63
CA LYS B 57 5.97 -9.06 -6.90
C LYS B 57 6.58 -10.03 -7.87
N HIS B 58 6.04 -10.09 -9.09
CA HIS B 58 6.54 -11.01 -10.09
C HIS B 58 7.74 -10.47 -10.88
N TRP B 59 8.07 -9.19 -10.61
CA TRP B 59 9.07 -8.47 -11.37
C TRP B 59 10.24 -7.92 -10.57
N LYS B 60 10.29 -8.21 -9.27
CA LYS B 60 11.25 -7.54 -8.39
C LYS B 60 11.71 -8.51 -7.35
N ASN B 61 13.02 -8.58 -7.16
CA ASN B 61 13.62 -9.41 -6.06
C ASN B 61 12.98 -10.80 -5.95
N ILE B 62 12.87 -11.48 -7.07
CA ILE B 62 11.98 -12.62 -7.16
C ILE B 62 12.48 -13.85 -6.41
N SER B 63 13.75 -13.86 -6.03
CA SER B 63 14.33 -14.98 -5.24
C SER B 63 14.35 -14.68 -3.73
N SER B 64 13.95 -13.47 -3.35
CA SER B 64 13.96 -13.14 -1.92
C SER B 64 12.95 -13.98 -1.19
N LEU B 65 13.19 -14.21 0.09
CA LEU B 65 12.29 -15.04 0.87
C LEU B 65 11.47 -14.13 1.75
N THR B 66 10.42 -14.70 2.30
CA THR B 66 9.53 -13.98 3.20
C THR B 66 10.27 -13.37 4.40
N ASN B 67 9.89 -12.14 4.77
CA ASN B 67 10.39 -11.53 5.99
C ASN B 67 9.43 -11.83 7.15
N TRP B 68 9.62 -12.97 7.82
CA TRP B 68 8.67 -13.37 8.84
C TRP B 68 8.70 -12.47 10.06
N GLU B 69 9.86 -11.87 10.32
CA GLU B 69 9.95 -10.91 11.39
C GLU B 69 8.97 -9.77 11.14
N ASN B 70 8.97 -9.24 9.91
CA ASN B 70 8.09 -8.14 9.62
C ASN B 70 6.63 -8.59 9.54
N VAL B 71 6.42 -9.83 9.10
CA VAL B 71 5.05 -10.38 9.08
C VAL B 71 4.45 -10.24 10.47
N ARG B 72 5.20 -10.66 11.50
CA ARG B 72 4.69 -10.59 12.88
C ARG B 72 4.33 -9.16 13.28
N ILE B 73 5.20 -8.20 12.94
CA ILE B 73 4.99 -6.79 13.26
C ILE B 73 3.71 -6.28 12.59
N GLU B 74 3.48 -6.60 11.32
CA GLU B 74 2.27 -6.11 10.63
C GLU B 74 1.00 -6.78 11.12
N ILE B 75 1.06 -8.07 11.46
CA ILE B 75 -0.08 -8.75 12.06
C ILE B 75 -0.44 -8.04 13.38
N VAL B 76 0.59 -7.65 14.15
CA VAL B 76 0.38 -6.90 15.38
C VAL B 76 -0.14 -5.47 15.15
N ASP B 77 0.36 -4.78 14.11
CA ASP B 77 -0.20 -3.47 13.76
C ASP B 77 -1.69 -3.55 13.40
N ILE B 78 -2.05 -4.55 12.61
CA ILE B 78 -3.46 -4.77 12.30
C ILE B 78 -4.26 -4.98 13.59
N TRP B 79 -3.69 -5.75 14.53
CA TRP B 79 -4.42 -6.04 15.76
C TRP B 79 -4.67 -4.76 16.57
N HIS B 80 -3.71 -3.83 16.59
CA HIS B 80 -3.94 -2.55 17.29
C HIS B 80 -5.23 -1.90 16.74
N PHE B 81 -5.37 -1.93 15.43
CA PHE B 81 -6.51 -1.24 14.79
C PHE B 81 -7.81 -2.01 14.95
N ILE B 82 -7.74 -3.34 14.98
CA ILE B 82 -8.94 -4.15 15.28
C ILE B 82 -9.42 -3.92 16.72
N LEU B 83 -8.49 -3.92 17.65
CA LEU B 83 -8.82 -3.56 19.05
C LEU B 83 -9.50 -2.18 19.13
N SER B 84 -8.98 -1.23 18.35
CA SER B 84 -9.52 0.12 18.32
C SER B 84 -10.97 0.07 17.82
N LEU B 85 -11.23 -0.73 16.78
CA LEU B 85 -12.62 -0.89 16.32
C LEU B 85 -13.52 -1.54 17.32
N LEU B 86 -13.03 -2.61 17.98
CA LEU B 86 -13.80 -3.25 19.02
C LEU B 86 -14.20 -2.23 20.11
N LEU B 87 -13.25 -1.40 20.51
CA LEU B 87 -13.50 -0.40 21.53
C LEU B 87 -14.42 0.71 21.00
N GLU B 88 -14.25 1.11 19.74
CA GLU B 88 -15.10 2.13 19.10
C GLU B 88 -16.48 1.54 19.01
N ASP B 97 -18.01 -3.22 29.21
CA ASP B 97 -16.61 -2.82 29.25
C ASP B 97 -15.68 -3.86 28.61
N PHE B 98 -14.44 -3.87 29.11
CA PHE B 98 -13.40 -4.67 28.49
C PHE B 98 -13.74 -6.14 28.65
N LYS B 99 -14.32 -6.50 29.80
CA LYS B 99 -14.66 -7.89 30.07
C LYS B 99 -15.59 -8.40 28.99
N ALA B 100 -16.61 -7.61 28.68
CA ALA B 100 -17.61 -8.03 27.70
C ALA B 100 -17.00 -8.17 26.31
N ILE B 101 -16.09 -7.26 25.95
CA ILE B 101 -15.46 -7.32 24.65
C ILE B 101 -14.60 -8.58 24.56
N ALA B 102 -13.79 -8.81 25.60
CA ALA B 102 -12.92 -9.98 25.63
C ALA B 102 -13.74 -11.28 25.52
N THR B 103 -14.90 -11.29 26.15
CA THR B 103 -15.80 -12.42 26.13
C THR B 103 -16.28 -12.71 24.73
N GLU B 104 -16.61 -11.68 23.96
CA GLU B 104 -16.97 -11.88 22.55
C GLU B 104 -15.85 -12.42 21.67
N VAL B 105 -14.64 -11.88 21.85
CA VAL B 105 -13.51 -12.31 21.05
C VAL B 105 -13.19 -13.80 21.38
N ASN B 106 -13.28 -14.15 22.64
CA ASN B 106 -12.86 -15.47 23.08
C ASN B 106 -13.84 -16.51 22.55
N ALA B 107 -15.02 -16.07 22.13
CA ALA B 107 -16.08 -16.95 21.66
C ALA B 107 -15.95 -17.23 20.17
N VAL B 108 -15.04 -16.52 19.51
CA VAL B 108 -14.79 -16.72 18.08
C VAL B 108 -14.14 -18.09 17.99
N SER B 109 -14.75 -19.02 17.26
CA SER B 109 -14.20 -20.39 17.22
C SER B 109 -12.74 -20.44 16.76
N VAL B 110 -12.36 -19.68 15.72
CA VAL B 110 -10.96 -19.69 15.29
C VAL B 110 -10.04 -19.13 16.39
N PHE B 111 -10.61 -18.33 17.29
CA PHE B 111 -9.77 -17.77 18.35
C PHE B 111 -9.25 -18.93 19.20
N GLN B 112 -10.09 -19.91 19.52
CA GLN B 112 -9.63 -21.03 20.34
C GLN B 112 -8.44 -21.74 19.69
N ASP B 113 -8.53 -21.96 18.38
CA ASP B 113 -7.45 -22.61 17.68
C ASP B 113 -6.20 -21.78 17.79
N PHE B 114 -6.40 -20.47 17.73
CA PHE B 114 -5.28 -19.53 17.79
C PHE B 114 -4.54 -19.55 19.12
N CYS B 115 -5.18 -20.03 20.18
CA CYS B 115 -4.55 -20.04 21.49
C CYS B 115 -3.63 -21.26 21.66
N LYS B 116 -3.69 -22.20 20.71
CA LYS B 116 -2.86 -23.44 20.78
C LYS B 116 -1.36 -23.16 20.52
N GLY B 124 4.46 -22.01 5.01
CA GLY B 124 4.38 -22.00 3.55
C GLY B 124 3.03 -21.51 3.03
N ASP B 125 2.64 -21.94 1.81
CA ASP B 125 1.48 -21.48 0.98
C ASP B 125 1.29 -19.97 0.94
N ILE B 126 2.26 -19.30 0.37
CA ILE B 126 2.28 -17.85 0.51
C ILE B 126 1.11 -17.24 -0.29
N TYR B 127 0.81 -17.79 -1.46
CA TYR B 127 -0.22 -17.17 -2.28
C TYR B 127 -1.60 -17.31 -1.57
N GLY B 128 -1.78 -18.36 -0.78
CA GLY B 128 -2.96 -18.50 0.07
C GLY B 128 -3.06 -17.47 1.17
N ILE B 129 -1.93 -17.19 1.81
CA ILE B 129 -1.89 -16.16 2.81
C ILE B 129 -2.27 -14.83 2.18
N LEU B 130 -1.68 -14.58 1.00
CA LEU B 130 -1.93 -13.32 0.31
C LEU B 130 -3.41 -13.15 0.04
N ASN B 131 -4.06 -14.24 -0.32
CA ASN B 131 -5.50 -14.20 -0.59
C ASN B 131 -6.33 -13.88 0.66
N ASP B 132 -5.92 -14.36 1.84
CA ASP B 132 -6.58 -13.96 3.07
C ASP B 132 -6.38 -12.50 3.39
N ILE B 133 -5.17 -12.01 3.13
CA ILE B 133 -4.93 -10.57 3.36
C ILE B 133 -5.84 -9.76 2.43
N GLU B 134 -5.94 -10.21 1.17
CA GLU B 134 -6.73 -9.53 0.20
C GLU B 134 -8.19 -9.48 0.68
N LEU B 135 -8.67 -10.55 1.31
CA LEU B 135 -10.04 -10.58 1.80
C LEU B 135 -10.25 -9.47 2.88
N ILE B 136 -9.29 -9.34 3.77
CA ILE B 136 -9.35 -8.30 4.80
C ILE B 136 -9.37 -6.93 4.14
N ILE B 137 -8.52 -6.72 3.15
CA ILE B 137 -8.50 -5.43 2.43
C ILE B 137 -9.88 -5.17 1.84
N HIS B 138 -10.44 -6.17 1.20
CA HIS B 138 -11.73 -6.06 0.57
C HIS B 138 -12.80 -5.69 1.62
N LYS B 139 -12.81 -6.40 2.74
CA LYS B 139 -13.79 -6.16 3.80
C LYS B 139 -13.65 -4.77 4.42
N CYS B 140 -12.45 -4.26 4.49
CA CYS B 140 -12.20 -2.94 5.06
C CYS B 140 -12.34 -1.74 4.08
N SER B 141 -12.64 -2.01 2.83
CA SER B 141 -12.71 -0.95 1.83
C SER B 141 -14.05 -0.82 1.13
N GLY B 142 -15.03 -1.58 1.60
CA GLY B 142 -16.38 -1.55 1.03
C GLY B 142 -17.38 -0.70 1.80
N PHE B 143 -18.58 -0.66 1.25
CA PHE B 143 -19.69 0.05 1.89
C PHE B 143 -20.46 -1.05 2.61
N GLY B 144 -20.38 -1.08 3.94
CA GLY B 144 -21.06 -2.11 4.69
C GLY B 144 -19.98 -2.98 5.26
N PHE B 145 -19.91 -3.06 6.58
CA PHE B 145 -18.80 -3.67 7.29
C PHE B 145 -19.31 -4.59 8.39
N ASN B 146 -18.68 -5.77 8.57
CA ASN B 146 -18.98 -6.65 9.71
C ASN B 146 -17.74 -6.97 10.51
N LEU B 147 -17.67 -6.37 11.70
CA LEU B 147 -16.47 -6.53 12.56
C LEU B 147 -16.26 -8.00 13.00
N GLY B 148 -17.35 -8.69 13.32
CA GLY B 148 -17.24 -10.11 13.68
C GLY B 148 -16.65 -11.03 12.63
N GLU B 149 -17.06 -10.84 11.38
CA GLU B 149 -16.48 -11.58 10.24
C GLU B 149 -14.98 -11.21 10.05
N LEU B 150 -14.63 -9.95 10.29
CA LEU B 150 -13.22 -9.53 10.18
C LEU B 150 -12.39 -10.29 11.20
N LEU B 151 -12.88 -10.33 12.43
CA LEU B 151 -12.16 -11.11 13.49
C LEU B 151 -11.81 -12.54 13.08
N SER B 152 -12.80 -13.28 12.58
CA SER B 152 -12.54 -14.63 12.18
C SER B 152 -11.48 -14.72 11.07
N THR B 153 -11.61 -13.86 10.07
CA THR B 153 -10.63 -13.84 8.94
C THR B 153 -9.24 -13.51 9.46
N TYR B 154 -9.19 -12.54 10.37
CA TYR B 154 -7.92 -12.13 10.98
C TYR B 154 -7.22 -13.27 11.71
N PHE B 155 -7.94 -13.99 12.58
CA PHE B 155 -7.25 -15.04 13.33
C PHE B 155 -6.83 -16.21 12.43
N THR B 156 -7.64 -16.51 11.41
CA THR B 156 -7.30 -17.52 10.42
C THR B 156 -5.97 -17.15 9.73
N LEU B 157 -5.87 -15.89 9.31
CA LEU B 157 -4.64 -15.39 8.74
C LEU B 157 -3.48 -15.45 9.71
N ALA B 158 -3.69 -15.04 10.95
CA ALA B 158 -2.59 -14.98 11.91
C ALA B 158 -2.03 -16.39 12.15
N ILE B 159 -2.90 -17.40 12.18
CA ILE B 159 -2.41 -18.79 12.31
C ILE B 159 -1.54 -19.17 11.13
N LYS B 160 -1.99 -18.81 9.96
CA LYS B 160 -1.25 -19.15 8.72
C LYS B 160 0.13 -18.48 8.70
N CYS B 161 0.24 -17.32 9.35
CA CYS B 161 1.47 -16.54 9.46
C CYS B 161 2.39 -17.00 10.57
N GLY B 162 1.95 -18.04 11.25
CA GLY B 162 2.76 -18.67 12.28
C GLY B 162 2.62 -18.09 13.68
N LEU B 163 1.61 -17.22 13.89
CA LEU B 163 1.40 -16.68 15.24
C LEU B 163 0.43 -17.51 16.03
N ASN B 164 0.52 -17.33 17.33
CA ASN B 164 -0.47 -17.84 18.28
C ASN B 164 -0.69 -16.71 19.31
N LEU B 165 -1.56 -16.92 20.28
CA LEU B 165 -1.90 -15.81 21.21
C LEU B 165 -0.65 -15.33 21.95
N GLU B 166 0.21 -16.25 22.34
CA GLU B 166 1.39 -15.87 23.15
C GLU B 166 2.25 -14.91 22.34
N ILE B 167 2.51 -15.29 21.11
CA ILE B 167 3.37 -14.49 20.21
C ILE B 167 2.70 -13.14 19.91
N LEU B 168 1.40 -13.15 19.59
CA LEU B 168 0.66 -11.93 19.39
C LEU B 168 0.76 -11.03 20.61
N TYR B 169 0.53 -11.60 21.78
CA TYR B 169 0.45 -10.82 23.02
C TYR B 169 1.81 -10.17 23.34
N LYS B 170 2.87 -10.96 23.26
CA LYS B 170 4.21 -10.48 23.62
C LYS B 170 4.66 -9.44 22.61
N THR B 171 4.37 -9.67 21.34
CA THR B 171 4.78 -8.73 20.29
C THR B 171 3.95 -7.44 20.41
N TYR B 172 2.64 -7.61 20.69
CA TYR B 172 1.72 -6.49 20.88
C TYR B 172 2.21 -5.56 22.00
N ILE B 173 2.58 -6.14 23.14
CA ILE B 173 3.09 -5.34 24.24
C ILE B 173 4.25 -4.49 23.77
N GLY B 174 5.21 -5.12 23.07
CA GLY B 174 6.41 -4.46 22.60
C GLY B 174 6.08 -3.30 21.65
N LYS B 175 5.24 -3.58 20.66
CA LYS B 175 4.88 -2.52 19.69
C LYS B 175 4.05 -1.41 20.34
N ASN B 176 3.19 -1.78 21.27
CA ASN B 176 2.44 -0.77 22.02
C ASN B 176 3.40 0.22 22.68
N VAL B 177 4.53 -0.27 23.21
CA VAL B 177 5.58 0.57 23.84
C VAL B 177 6.22 1.47 22.79
N LEU B 178 6.63 0.89 21.67
CA LEU B 178 7.13 1.71 20.53
C LEU B 178 6.15 2.79 20.06
N ASN B 179 4.86 2.45 20.01
CA ASN B 179 3.85 3.46 19.65
C ASN B 179 3.80 4.67 20.60
N ILE B 180 3.93 4.42 21.89
CA ILE B 180 4.01 5.50 22.90
C ILE B 180 5.29 6.27 22.70
N PHE B 181 6.39 5.53 22.53
CA PHE B 181 7.68 6.16 22.27
C PHE B 181 7.62 7.12 21.10
N ARG B 182 7.06 6.63 20.00
CA ARG B 182 6.87 7.47 18.83
C ARG B 182 6.18 8.77 19.16
N GLN B 183 5.06 8.68 19.85
CA GLN B 183 4.29 9.88 20.14
C GLN B 183 5.08 10.85 21.02
N ASN B 184 5.89 10.30 21.93
CA ASN B 184 6.69 11.13 22.83
C ASN B 184 7.90 11.77 22.14
N ASN B 185 8.17 11.34 20.91
CA ASN B 185 9.37 11.78 20.23
C ASN B 185 9.12 12.37 18.83
N GLY B 186 7.98 13.02 18.66
CA GLY B 186 7.75 13.90 17.52
C GLY B 186 7.15 13.17 16.32
N TYR B 187 6.50 12.05 16.56
CA TYR B 187 5.80 11.37 15.43
C TYR B 187 4.76 12.29 14.77
N LYS B 188 4.05 13.04 15.60
CA LYS B 188 2.96 13.85 15.12
C LYS B 188 3.43 15.05 14.31
N ASP B 189 4.56 15.63 14.67
CA ASP B 189 5.00 16.90 14.06
C ASP B 189 6.13 16.71 13.02
N GLY B 190 6.46 15.46 12.73
CA GLY B 190 7.42 15.13 11.69
C GLY B 190 8.87 15.11 12.10
N SER B 191 9.16 15.36 13.37
CA SER B 191 10.55 15.41 13.83
C SER B 191 11.12 14.05 14.24
N TYR B 192 10.27 13.03 14.35
CA TYR B 192 10.72 11.70 14.73
C TYR B 192 11.53 11.08 13.63
N LYS B 193 12.63 10.45 13.99
CA LYS B 193 13.42 9.68 13.04
C LYS B 193 13.01 8.21 13.12
N LYS B 194 12.39 7.70 12.05
CA LYS B 194 11.86 6.33 12.04
C LYS B 194 12.93 5.31 11.68
N THR B 195 14.02 5.77 11.06
CA THR B 195 15.16 4.91 10.82
C THR B 195 16.25 5.28 11.79
N TRP B 196 16.71 4.28 12.54
CA TRP B 196 17.67 4.48 13.62
C TRP B 196 18.96 3.80 13.23
N ASN B 197 19.95 4.58 12.79
CA ASN B 197 21.24 4.02 12.42
C ASN B 197 21.08 2.84 11.42
N GLY B 198 20.30 3.06 10.36
CA GLY B 198 20.13 2.08 9.29
C GLY B 198 19.04 1.04 9.49
N LYS B 199 18.42 1.02 10.66
CA LYS B 199 17.36 0.04 10.91
C LYS B 199 16.05 0.77 11.20
N GLU B 200 14.94 0.27 10.64
CA GLU B 200 13.61 0.80 10.99
C GLU B 200 13.41 0.57 12.47
N ASP B 201 12.66 1.46 13.11
CA ASP B 201 12.37 1.31 14.54
C ASP B 201 11.77 -0.05 14.88
N ASN B 202 10.97 -0.59 13.97
CA ASN B 202 10.37 -1.93 14.19
C ASN B 202 11.40 -3.04 14.29
N GLU B 203 12.47 -2.92 13.50
CA GLU B 203 13.57 -3.91 13.52
C GLU B 203 14.34 -3.84 14.83
N VAL B 204 14.60 -2.62 15.32
CA VAL B 204 15.30 -2.48 16.60
C VAL B 204 14.41 -3.05 17.71
N LEU B 205 13.12 -2.75 17.64
CA LEU B 205 12.17 -3.31 18.60
C LEU B 205 12.24 -4.82 18.65
N ALA B 206 12.24 -5.42 17.46
CA ALA B 206 12.32 -6.89 17.35
C ALA B 206 13.56 -7.44 18.04
N GLN B 207 14.67 -6.75 17.90
CA GLN B 207 15.95 -7.10 18.58
C GLN B 207 15.83 -7.00 20.10
N ILE B 208 15.19 -5.94 20.58
CA ILE B 208 14.92 -5.77 22.03
C ILE B 208 14.04 -6.90 22.55
N LEU B 209 13.03 -7.26 21.76
CA LEU B 209 12.07 -8.27 22.18
C LEU B 209 12.66 -9.68 22.21
N GLU B 210 13.84 -9.89 21.62
CA GLU B 210 14.57 -11.16 21.86
C GLU B 210 14.96 -11.26 23.33
N GLN B 211 15.15 -10.12 23.98
CA GLN B 211 15.47 -10.07 25.39
C GLN B 211 14.21 -10.22 26.23
N THR B 217 10.97 -1.32 30.76
CA THR B 217 12.29 -1.84 30.39
C THR B 217 12.47 -1.83 28.87
N ILE B 218 11.41 -2.21 28.15
CA ILE B 218 11.39 -2.04 26.69
C ILE B 218 11.58 -0.54 26.40
N TYR B 219 10.76 0.31 27.01
CA TYR B 219 10.79 1.77 26.75
C TYR B 219 12.19 2.39 26.98
N LYS B 220 12.88 1.93 28.02
CA LYS B 220 14.23 2.38 28.34
C LYS B 220 15.25 1.99 27.25
N LYS B 221 15.12 0.75 26.75
CA LYS B 221 15.95 0.26 25.64
C LYS B 221 15.73 1.14 24.41
N LEU B 222 14.48 1.39 24.06
CA LEU B 222 14.18 2.23 22.93
C LEU B 222 14.82 3.60 23.10
N GLU B 223 14.67 4.17 24.28
CA GLU B 223 15.22 5.50 24.51
C GLU B 223 16.74 5.54 24.39
N GLU B 224 17.42 4.57 24.99
CA GLU B 224 18.84 4.40 24.79
C GLU B 224 19.18 4.21 23.30
N CYS B 225 18.51 3.29 22.62
CA CYS B 225 18.78 3.06 21.19
C CYS B 225 18.55 4.32 20.36
N TYR B 226 17.49 5.06 20.68
CA TYR B 226 17.14 6.25 19.89
C TYR B 226 18.24 7.32 19.94
N LYS B 227 19.05 7.32 21.02
CA LYS B 227 20.18 8.23 21.15
C LYS B 227 21.18 8.20 19.98
N LYS B 228 21.35 7.04 19.33
CA LYS B 228 22.37 6.89 18.27
C LYS B 228 21.78 6.91 16.83
N ALA B 229 20.55 7.44 16.73
CA ALA B 229 19.92 7.70 15.43
C ALA B 229 20.06 9.20 15.09
N1 DUN C . 5.37 -2.99 -14.08
C2 DUN C . 4.87 -3.26 -15.35
N3 DUN C . 4.70 -4.53 -15.72
C4 DUN C . 4.97 -5.60 -14.92
C5 DUN C . 5.46 -5.34 -13.64
C6 DUN C . 5.66 -4.04 -13.28
O2 DUN C . 4.60 -2.27 -16.08
O4 DUN C . 4.79 -6.76 -15.32
C1' DUN C . 5.61 -1.61 -13.67
C2' DUN C . 4.38 -0.72 -13.64
C3' DUN C . 4.70 0.29 -12.57
C4' DUN C . 5.94 -0.26 -11.83
O4' DUN C . 6.20 -1.56 -12.38
O3' DUN C . 5.04 1.55 -13.21
C5' DUN C . 5.82 -0.38 -10.33
O5' DUN C . 7.05 -0.95 -9.81
PA DUN C . 7.26 -1.05 -8.23
O1A DUN C . 5.92 -1.27 -7.55
O2A DUN C . 8.31 -2.12 -8.11
PB DUN C . 7.24 1.86 -7.73
O1B DUN C . 7.39 2.28 -9.21
O2B DUN C . 8.01 2.74 -6.82
O3B DUN C . 5.76 1.70 -7.33
N3A DUN C . 7.98 0.39 -7.71
MG MG D . 4.90 -0.01 -6.40
MG MG E . 4.35 3.24 -7.26
MG MG F . 5.73 4.74 -4.72
N1 DUN G . -1.75 3.40 16.29
C2 DUN G . -2.67 3.17 17.32
N3 DUN G . -3.65 4.06 17.52
C4 DUN G . -3.80 5.17 16.76
C5 DUN G . -2.90 5.42 15.75
C6 DUN G . -1.89 4.52 15.53
O2 DUN G . -2.50 2.13 18.02
O4 DUN G . -4.78 5.93 16.94
C1' DUN G . -0.63 2.46 16.13
C2' DUN G . -1.02 1.00 15.82
C3' DUN G . 0.15 0.49 14.99
C4' DUN G . 0.95 1.70 14.58
O4' DUN G . 0.24 2.84 15.08
O3' DUN G . 0.95 -0.41 15.76
C5' DUN G . 1.13 1.91 13.08
O5' DUN G . 1.86 3.17 12.88
PA DUN G . 2.45 3.50 11.47
O1A DUN G . 1.52 2.99 10.41
O2A DUN G . 2.73 5.03 11.55
PB DUN G . 4.26 1.21 11.22
O1B DUN G . 4.32 0.76 12.63
O2B DUN G . 5.58 1.17 10.50
O3B DUN G . 3.15 0.53 10.43
N3A DUN G . 3.97 2.85 11.25
MG MG H . 1.78 1.47 9.07
MG MG I . 2.99 -1.54 10.09
MG MG J . 5.66 -1.80 8.23
#